data_2WBW
#
_entry.id   2WBW
#
_cell.length_a   132.010
_cell.length_b   132.010
_cell.length_c   132.010
_cell.angle_alpha   90.00
_cell.angle_beta   90.00
_cell.angle_gamma   90.00
#
_symmetry.space_group_name_H-M   'I 2 3'
#
loop_
_entity.id
_entity.type
_entity.pdbx_description
1 polymer 'FIBER PROTEIN'
2 polymer 'COXSACKIEVIRUS AND ADENOVIRUS RECEPTOR'
3 non-polymer 'N-acetyl-alpha-neuraminic acid'
4 non-polymer 'CALCIUM ION'
5 water water
#
loop_
_entity_poly.entity_id
_entity_poly.type
_entity_poly.pdbx_seq_one_letter_code
_entity_poly.pdbx_strand_id
1 'polypeptide(L)'
;GAMGSWNPKYDTRTLWTTPDTSPNCTIAQDKDSKLTLVLTKCGSQILANVSLIVVAGKYHIINNKTNPKIKSFTIKLLFN
KNGVLLDNSNLGKAYWNFRSGNSNVSTAYEKAIGFMPNLVAYPKPSNSKKYARDIVYGTIYLGGKPDQPAVIKTTFNQET
GCEYSITFNFSWSKTYENVEFETTSFTFSYIAQE
;
A
2 'polypeptide(L)'
;MADFARSLSITTPEEMIEKAKGETAYLPCKFTLSPEDQGPLDIEWLISPADNQKVDQVIILYSGDKIYDDYYPDLKGRVH
FTSNDLKSGDASINVTNLQLSDIGTYQCKVKKAPGVANKKIHLVVLGK
;
B
#
# COMPACT_ATOMS: atom_id res chain seq x y z
N ARG A 13 15.04 23.73 -0.67
CA ARG A 13 15.04 22.85 -1.87
C ARG A 13 13.78 21.98 -1.99
N THR A 14 13.57 21.52 -3.21
CA THR A 14 12.40 20.73 -3.55
C THR A 14 12.81 19.36 -4.09
N LEU A 15 12.24 18.33 -3.48
CA LEU A 15 12.37 16.95 -3.91
C LEU A 15 10.99 16.56 -4.45
N TRP A 16 10.93 16.07 -5.69
CA TRP A 16 9.62 15.90 -6.32
C TRP A 16 9.56 14.82 -7.39
N THR A 17 8.34 14.56 -7.87
CA THR A 17 8.08 13.62 -8.96
C THR A 17 8.11 14.31 -10.31
N THR A 18 8.44 15.61 -10.31
CA THR A 18 8.15 16.57 -11.39
C THR A 18 6.65 16.88 -11.42
N PRO A 19 6.25 18.00 -12.04
CA PRO A 19 4.83 18.37 -12.00
C PRO A 19 3.93 17.76 -13.08
N ASP A 20 4.51 16.97 -13.99
CA ASP A 20 3.75 16.36 -15.07
C ASP A 20 4.30 14.96 -15.38
N THR A 21 4.46 14.16 -14.34
CA THR A 21 5.13 12.87 -14.48
C THR A 21 4.47 11.93 -15.50
N SER A 22 5.28 11.13 -16.18
CA SER A 22 4.77 9.96 -16.89
C SER A 22 4.39 8.94 -15.80
N PRO A 23 3.70 7.85 -16.17
CA PRO A 23 3.36 6.89 -15.11
C PRO A 23 4.57 6.50 -14.27
N ASN A 24 4.44 6.63 -12.96
CA ASN A 24 5.55 6.48 -12.03
C ASN A 24 5.19 5.64 -10.83
N CYS A 25 4.04 4.99 -10.89
CA CYS A 25 3.51 4.33 -9.71
C CYS A 25 2.85 3.03 -10.12
N THR A 26 3.01 2.01 -9.28
CA THR A 26 2.53 0.68 -9.57
C THR A 26 1.70 0.24 -8.38
N ILE A 27 0.39 0.13 -8.58
CA ILE A 27 -0.51 -0.29 -7.48
C ILE A 27 -0.99 -1.71 -7.72
N ALA A 28 -1.80 -1.88 -8.77
CA ALA A 28 -2.34 -3.21 -9.15
C ALA A 28 -1.54 -3.86 -10.27
N GLN A 29 -0.93 -3.04 -11.13
CA GLN A 29 -0.11 -3.52 -12.23
C GLN A 29 0.95 -2.46 -12.53
N ASP A 30 2.00 -2.86 -13.24
CA ASP A 30 3.13 -1.96 -13.53
C ASP A 30 2.68 -0.66 -14.17
N LYS A 31 3.16 0.45 -13.60
CA LYS A 31 2.98 1.79 -14.17
C LYS A 31 1.51 2.09 -14.47
N ASP A 32 0.67 1.83 -13.48
CA ASP A 32 -0.77 2.06 -13.62
C ASP A 32 -1.23 3.41 -13.12
N SER A 33 -0.30 4.21 -12.61
CA SER A 33 -0.68 5.48 -11.98
C SER A 33 0.41 6.54 -12.02
N LYS A 34 -0.03 7.78 -11.82
CA LYS A 34 0.83 8.95 -11.78
C LYS A 34 0.64 9.64 -10.44
N LEU A 35 1.59 9.45 -9.54
CA LEU A 35 1.58 10.15 -8.27
C LEU A 35 2.36 11.44 -8.42
N THR A 36 1.70 12.58 -8.16
CA THR A 36 2.41 13.85 -8.13
C THR A 36 2.66 14.20 -6.67
N LEU A 37 3.93 14.33 -6.31
CA LEU A 37 4.31 14.65 -4.94
C LEU A 37 5.46 15.64 -4.96
N VAL A 38 5.24 16.77 -4.29
CA VAL A 38 6.24 17.84 -4.19
C VAL A 38 6.53 18.07 -2.71
N LEU A 39 7.79 17.90 -2.34
CA LEU A 39 8.24 18.12 -0.97
C LEU A 39 9.19 19.31 -0.97
N THR A 40 8.84 20.35 -0.23
CA THR A 40 9.69 21.54 -0.15
C THR A 40 10.10 21.76 1.29
N LYS A 41 11.40 21.87 1.50
CA LYS A 41 11.92 21.93 2.86
C LYS A 41 11.83 23.36 3.39
N CYS A 42 11.07 23.53 4.47
CA CYS A 42 11.00 24.78 5.21
C CYS A 42 11.61 24.53 6.57
N GLY A 43 12.94 24.40 6.60
CA GLY A 43 13.64 24.04 7.83
C GLY A 43 13.14 22.71 8.37
N SER A 44 12.66 22.71 9.60
CA SER A 44 12.28 21.45 10.25
CA SER A 44 12.28 21.44 10.23
C SER A 44 10.87 20.96 9.89
N GLN A 45 10.19 21.69 9.00
CA GLN A 45 8.91 21.21 8.46
C GLN A 45 9.02 21.06 6.96
N ILE A 46 8.49 19.95 6.46
CA ILE A 46 8.37 19.74 5.03
C ILE A 46 6.95 20.14 4.61
N LEU A 47 6.86 21.02 3.63
CA LEU A 47 5.59 21.40 3.01
C LEU A 47 5.36 20.48 1.82
N ALA A 48 4.26 19.73 1.87
CA ALA A 48 4.00 18.67 0.88
C ALA A 48 2.71 18.93 0.11
N ASN A 49 2.72 18.59 -1.17
CA ASN A 49 1.56 18.76 -2.05
C ASN A 49 1.42 17.47 -2.87
N VAL A 50 0.22 16.89 -2.89
CA VAL A 50 0.04 15.57 -3.48
C VAL A 50 -1.26 15.45 -4.28
N SER A 51 -1.22 14.64 -5.34
CA SER A 51 -2.42 14.24 -6.07
C SER A 51 -2.13 12.93 -6.76
N LEU A 52 -3.20 12.32 -7.29
CA LEU A 52 -3.06 11.04 -8.00
C LEU A 52 -3.92 11.01 -9.25
N ILE A 53 -3.33 10.52 -10.34
CA ILE A 53 -4.08 10.16 -11.54
C ILE A 53 -3.85 8.67 -11.79
N VAL A 54 -4.90 7.86 -11.69
CA VAL A 54 -4.77 6.45 -12.09
C VAL A 54 -5.01 6.35 -13.59
N VAL A 55 -4.09 5.70 -14.29
CA VAL A 55 -4.13 5.66 -15.75
C VAL A 55 -4.51 4.33 -16.39
N ALA A 56 -4.51 3.25 -15.60
CA ALA A 56 -4.82 1.91 -16.10
C ALA A 56 -5.17 1.00 -14.95
N GLY A 57 -5.71 -0.18 -15.26
CA GLY A 57 -5.87 -1.21 -14.25
C GLY A 57 -7.07 -1.06 -13.35
N LYS A 58 -7.04 -1.83 -12.27
CA LYS A 58 -8.20 -2.00 -11.39
CA LYS A 58 -8.16 -2.00 -11.33
C LYS A 58 -8.78 -0.69 -10.84
N TYR A 59 -7.91 0.29 -10.56
CA TYR A 59 -8.38 1.52 -9.92
C TYR A 59 -8.60 2.68 -10.88
N HIS A 60 -8.53 2.41 -12.17
CA HIS A 60 -8.61 3.49 -13.17
C HIS A 60 -10.01 4.07 -13.26
N ILE A 61 -11.00 3.21 -13.49
CA ILE A 61 -12.39 3.61 -13.54
C ILE A 61 -13.17 2.88 -12.44
N ILE A 62 -13.69 3.64 -11.50
CA ILE A 62 -14.40 3.05 -10.36
C ILE A 62 -15.84 2.79 -10.76
N ASN A 63 -16.27 1.54 -10.64
CA ASN A 63 -17.68 1.21 -10.76
C ASN A 63 -18.11 0.30 -9.64
N ASN A 64 -18.68 0.90 -8.60
CA ASN A 64 -19.09 0.18 -7.41
C ASN A 64 -20.45 -0.51 -7.52
N LYS A 65 -21.13 -0.30 -8.64
CA LYS A 65 -22.31 -1.13 -8.95
C LYS A 65 -21.83 -2.52 -9.37
N THR A 66 -20.84 -2.57 -10.24
CA THR A 66 -20.29 -3.85 -10.71
C THR A 66 -19.26 -4.42 -9.72
N ASN A 67 -18.53 -3.54 -9.04
CA ASN A 67 -17.48 -3.97 -8.11
C ASN A 67 -17.67 -3.29 -6.76
N PRO A 68 -18.66 -3.75 -5.96
CA PRO A 68 -19.02 -3.03 -4.73
C PRO A 68 -17.93 -2.98 -3.65
N LYS A 69 -16.94 -3.86 -3.74
CA LYS A 69 -15.94 -3.98 -2.67
C LYS A 69 -14.63 -3.27 -2.95
N ILE A 70 -14.54 -2.56 -4.07
CA ILE A 70 -13.35 -1.75 -4.34
C ILE A 70 -13.59 -0.38 -3.69
N LYS A 71 -12.98 -0.16 -2.52
CA LYS A 71 -13.26 1.03 -1.72
C LYS A 71 -12.03 1.73 -1.19
N SER A 72 -10.86 1.08 -1.31
CA SER A 72 -9.64 1.58 -0.67
C SER A 72 -8.40 0.99 -1.31
N PHE A 73 -7.37 1.81 -1.51
CA PHE A 73 -6.07 1.28 -1.95
C PHE A 73 -4.92 2.15 -1.43
N THR A 74 -3.73 1.57 -1.38
CA THR A 74 -2.59 2.20 -0.74
C THR A 74 -1.34 2.28 -1.63
N ILE A 75 -0.64 3.40 -1.51
CA ILE A 75 0.65 3.64 -2.18
C ILE A 75 1.70 3.87 -1.10
N LYS A 76 2.82 3.15 -1.17
CA LYS A 76 3.89 3.28 -0.16
C LYS A 76 5.19 3.81 -0.76
N LEU A 77 5.77 4.78 -0.06
CA LEU A 77 7.11 5.31 -0.37
C LEU A 77 8.00 4.86 0.78
N LEU A 78 9.01 4.05 0.45
CA LEU A 78 9.90 3.47 1.45
C LEU A 78 11.30 4.02 1.21
N PHE A 79 11.96 4.47 2.28
CA PHE A 79 13.29 5.07 2.15
C PHE A 79 14.32 4.40 3.03
N ASN A 80 15.56 4.38 2.56
CA ASN A 80 16.66 3.88 3.38
C ASN A 80 17.22 4.96 4.31
N LYS A 81 18.32 4.65 5.02
CA LYS A 81 18.90 5.56 6.00
CA LYS A 81 18.90 5.56 6.00
C LYS A 81 19.40 6.87 5.40
N ASN A 82 19.66 6.87 4.09
CA ASN A 82 20.12 8.05 3.38
C ASN A 82 18.97 8.84 2.75
N GLY A 83 17.74 8.39 2.98
CA GLY A 83 16.57 9.03 2.39
C GLY A 83 16.35 8.66 0.93
N VAL A 84 17.01 7.61 0.47
CA VAL A 84 16.89 7.16 -0.91
C VAL A 84 15.70 6.22 -1.03
N LEU A 85 14.92 6.40 -2.08
CA LEU A 85 13.72 5.61 -2.31
C LEU A 85 14.08 4.16 -2.65
N LEU A 86 13.46 3.22 -1.96
CA LEU A 86 13.68 1.78 -2.19
C LEU A 86 12.90 1.27 -3.38
N ASP A 87 13.48 0.29 -4.07
CA ASP A 87 12.91 -0.32 -5.29
C ASP A 87 11.51 -0.89 -5.14
N ASN A 88 11.22 -1.41 -3.96
CA ASN A 88 9.94 -2.06 -3.74
C ASN A 88 8.84 -1.10 -3.33
N SER A 89 9.15 0.21 -3.29
CA SER A 89 8.09 1.23 -3.14
C SER A 89 7.11 1.16 -4.31
N ASN A 90 5.89 1.64 -4.10
CA ASN A 90 4.96 1.73 -5.22
C ASN A 90 5.41 2.81 -6.22
N LEU A 91 5.99 3.88 -5.71
CA LEU A 91 6.56 4.94 -6.54
C LEU A 91 7.91 4.49 -7.11
N GLY A 92 8.09 4.72 -8.41
CA GLY A 92 9.35 4.43 -9.10
C GLY A 92 10.40 5.50 -8.88
N LYS A 93 11.65 5.10 -9.02
CA LYS A 93 12.79 5.95 -8.69
C LYS A 93 13.25 6.90 -9.79
N ALA A 94 12.96 6.58 -11.05
CA ALA A 94 13.63 7.27 -12.16
C ALA A 94 13.42 8.78 -12.17
N TYR A 95 12.20 9.22 -11.88
CA TYR A 95 11.87 10.65 -11.89
C TYR A 95 11.46 11.18 -10.51
N TRP A 96 12.05 10.58 -9.47
CA TRP A 96 11.95 11.09 -8.11
C TRP A 96 13.31 11.66 -7.73
N ASN A 97 13.40 12.99 -7.65
CA ASN A 97 14.72 13.62 -7.51
C ASN A 97 14.57 15.09 -7.16
N PHE A 98 15.70 15.72 -6.86
CA PHE A 98 15.75 17.16 -6.69
C PHE A 98 15.44 17.88 -8.01
N ARG A 99 14.71 18.97 -7.89
CA ARG A 99 14.25 19.67 -9.09
C ARG A 99 15.36 20.44 -9.82
N SER A 100 15.19 20.50 -11.14
CA SER A 100 15.92 21.44 -11.99
C SER A 100 14.88 21.96 -12.97
N GLY A 101 14.52 23.24 -12.84
CA GLY A 101 13.44 23.81 -13.66
C GLY A 101 12.16 23.02 -13.45
N ASN A 102 11.54 22.60 -14.54
CA ASN A 102 10.33 21.77 -14.46
C ASN A 102 10.60 20.29 -14.51
N SER A 103 11.88 19.93 -14.43
CA SER A 103 12.31 18.55 -14.46
C SER A 103 13.16 18.27 -13.22
N ASN A 104 14.11 17.33 -13.35
CA ASN A 104 15.02 16.95 -12.27
C ASN A 104 16.47 17.16 -12.66
N VAL A 105 17.35 17.23 -11.66
CA VAL A 105 18.79 17.12 -11.95
C VAL A 105 19.08 15.77 -12.61
N SER A 106 20.17 15.68 -13.39
CA SER A 106 20.46 14.50 -14.20
CA SER A 106 20.44 14.51 -14.21
C SER A 106 20.85 13.25 -13.43
N THR A 107 21.53 13.46 -12.31
CA THR A 107 22.01 12.33 -11.53
CA THR A 107 22.07 12.37 -11.49
C THR A 107 21.14 12.07 -10.31
N ALA A 108 20.97 10.78 -10.01
CA ALA A 108 20.15 10.36 -8.89
C ALA A 108 20.74 10.90 -7.59
N TYR A 109 19.89 11.40 -6.70
CA TYR A 109 20.39 11.90 -5.43
C TYR A 109 20.92 10.78 -4.53
N GLU A 110 21.87 11.13 -3.68
CA GLU A 110 22.47 10.19 -2.74
C GLU A 110 21.99 10.42 -1.30
N LYS A 111 21.59 11.65 -0.99
CA LYS A 111 21.18 12.00 0.37
C LYS A 111 19.96 12.91 0.37
N ALA A 112 18.98 12.58 1.21
CA ALA A 112 17.82 13.44 1.40
C ALA A 112 17.24 13.24 2.80
N ILE A 113 18.11 13.06 3.78
CA ILE A 113 17.66 12.84 5.15
C ILE A 113 16.82 14.01 5.69
N GLY A 114 17.12 15.22 5.21
CA GLY A 114 16.37 16.41 5.64
C GLY A 114 14.92 16.45 5.17
N PHE A 115 14.56 15.52 4.29
CA PHE A 115 13.20 15.40 3.77
C PHE A 115 12.43 14.23 4.35
N MET A 116 13.07 13.46 5.22
CA MET A 116 12.46 12.26 5.77
C MET A 116 11.56 12.60 6.96
N PRO A 117 10.46 11.85 7.13
CA PRO A 117 9.61 12.08 8.30
C PRO A 117 10.35 11.70 9.58
N ASN A 118 10.33 12.61 10.54
CA ASN A 118 11.11 12.48 11.78
C ASN A 118 10.73 11.23 12.59
N LEU A 119 11.72 10.40 12.92
CA LEU A 119 11.46 9.14 13.64
C LEU A 119 11.07 9.30 15.11
N VAL A 120 11.47 10.41 15.74
CA VAL A 120 11.01 10.69 17.11
C VAL A 120 9.56 11.19 17.09
N ALA A 121 9.23 12.04 16.12
CA ALA A 121 7.86 12.50 15.91
C ALA A 121 6.91 11.37 15.54
N TYR A 122 7.39 10.46 14.68
CA TYR A 122 6.56 9.42 14.10
C TYR A 122 7.34 8.10 14.17
N PRO A 123 7.36 7.47 15.34
CA PRO A 123 8.15 6.24 15.47
C PRO A 123 7.57 5.06 14.70
N LYS A 124 8.43 4.13 14.30
CA LYS A 124 7.97 2.86 13.74
C LYS A 124 7.11 2.08 14.72
N PRO A 125 6.22 1.19 14.22
CA PRO A 125 5.48 0.33 15.15
C PRO A 125 6.41 -0.39 16.12
N SER A 126 5.96 -0.50 17.36
CA SER A 126 6.74 -1.15 18.42
C SER A 126 5.75 -1.79 19.39
N ASN A 127 6.16 -2.02 20.63
CA ASN A 127 5.18 -2.41 21.64
C ASN A 127 4.12 -1.32 21.87
N SER A 128 4.48 -0.08 21.52
CA SER A 128 3.58 1.06 21.56
C SER A 128 2.80 1.18 20.25
N LYS A 129 1.49 1.29 20.36
CA LYS A 129 0.66 1.66 19.22
C LYS A 129 1.11 3.05 18.73
N LYS A 130 1.13 3.28 17.42
CA LYS A 130 1.40 4.61 16.93
C LYS A 130 0.25 5.56 17.31
N TYR A 131 0.60 6.74 17.82
CA TYR A 131 -0.39 7.76 18.09
C TYR A 131 -1.02 8.26 16.80
N ALA A 132 -2.24 8.74 16.93
CA ALA A 132 -2.99 9.25 15.78
C ALA A 132 -2.29 10.43 15.12
N ARG A 133 -1.43 11.14 15.85
CA ARG A 133 -0.76 12.33 15.31
C ARG A 133 0.21 11.97 14.16
N ASP A 134 0.49 10.67 14.01
CA ASP A 134 1.36 10.21 12.91
C ASP A 134 0.60 10.14 11.58
N ILE A 135 -0.67 10.53 11.62
CA ILE A 135 -1.56 10.52 10.44
C ILE A 135 -2.06 11.93 10.15
N VAL A 136 -2.18 12.26 8.87
CA VAL A 136 -2.95 13.44 8.46
C VAL A 136 -4.03 12.99 7.49
N TYR A 137 -5.27 13.43 7.71
CA TYR A 137 -6.38 13.20 6.78
C TYR A 137 -6.70 14.44 5.93
N GLY A 138 -7.01 14.20 4.67
CA GLY A 138 -7.55 15.27 3.81
C GLY A 138 -8.63 14.68 2.92
N THR A 139 -9.49 15.55 2.39
CA THR A 139 -10.48 15.12 1.40
C THR A 139 -10.13 15.76 0.07
N ILE A 140 -10.05 14.91 -0.96
CA ILE A 140 -9.85 15.37 -2.34
CA ILE A 140 -9.85 15.37 -2.34
C ILE A 140 -11.06 14.99 -3.18
N TYR A 141 -11.12 15.46 -4.42
CA TYR A 141 -12.33 15.28 -5.24
C TYR A 141 -12.01 14.65 -6.58
N LEU A 142 -12.69 13.55 -6.89
CA LEU A 142 -12.44 12.85 -8.15
C LEU A 142 -12.99 13.65 -9.31
N GLY A 143 -12.16 13.84 -10.32
CA GLY A 143 -12.56 14.61 -11.51
C GLY A 143 -12.84 16.06 -11.20
N GLY A 144 -12.43 16.52 -10.01
CA GLY A 144 -12.70 17.90 -9.60
C GLY A 144 -14.15 18.20 -9.29
N LYS A 145 -14.98 17.17 -9.19
CA LYS A 145 -16.43 17.33 -8.94
C LYS A 145 -16.70 17.36 -7.44
N PRO A 146 -17.43 18.38 -6.97
CA PRO A 146 -17.64 18.54 -5.54
C PRO A 146 -18.47 17.43 -4.88
N ASP A 147 -19.24 16.69 -5.67
CA ASP A 147 -20.00 15.56 -5.12
C ASP A 147 -19.29 14.21 -5.25
N GLN A 148 -17.98 14.27 -5.54
CA GLN A 148 -17.19 13.05 -5.64
C GLN A 148 -15.98 13.05 -4.69
N PRO A 149 -16.24 13.20 -3.37
CA PRO A 149 -15.13 13.14 -2.40
C PRO A 149 -14.48 11.76 -2.27
N ALA A 150 -13.18 11.78 -1.97
CA ALA A 150 -12.46 10.60 -1.53
C ALA A 150 -11.48 11.08 -0.48
N VAL A 151 -11.12 10.17 0.42
CA VAL A 151 -10.27 10.51 1.54
C VAL A 151 -8.84 10.08 1.24
N ILE A 152 -7.90 11.01 1.43
CA ILE A 152 -6.48 10.69 1.42
C ILE A 152 -5.97 10.68 2.87
N LYS A 153 -5.54 9.51 3.31
CA LYS A 153 -5.00 9.31 4.65
C LYS A 153 -3.51 9.07 4.52
N THR A 154 -2.70 9.96 5.11
CA THR A 154 -1.25 9.89 4.97
C THR A 154 -0.67 9.52 6.33
N THR A 155 0.13 8.46 6.38
CA THR A 155 0.73 8.02 7.63
C THR A 155 2.25 8.03 7.50
N PHE A 156 2.93 8.54 8.52
CA PHE A 156 4.38 8.61 8.54
C PHE A 156 4.99 7.46 9.32
N ASN A 157 5.95 6.78 8.69
CA ASN A 157 6.75 5.72 9.35
C ASN A 157 5.93 4.54 9.89
N GLN A 158 4.99 4.08 9.08
CA GLN A 158 4.20 2.91 9.42
C GLN A 158 4.86 1.61 8.96
N GLU A 159 5.70 1.69 7.94
CA GLU A 159 6.07 0.48 7.19
C GLU A 159 7.33 -0.21 7.67
N THR A 160 7.37 -1.52 7.43
CA THR A 160 8.55 -2.34 7.67
C THR A 160 9.50 -2.33 6.46
N GLY A 161 10.71 -2.86 6.64
CA GLY A 161 11.66 -3.02 5.53
C GLY A 161 12.20 -1.71 4.98
N CYS A 162 12.39 -0.74 5.87
CA CYS A 162 12.85 0.60 5.49
C CYS A 162 13.24 1.36 6.75
N GLU A 163 13.97 2.46 6.59
CA GLU A 163 14.27 3.35 7.70
C GLU A 163 13.12 4.35 7.90
N TYR A 164 12.56 4.85 6.79
CA TYR A 164 11.48 5.83 6.83
C TYR A 164 10.41 5.44 5.82
N SER A 165 9.18 5.88 6.04
CA SER A 165 8.13 5.66 5.05
C SER A 165 7.08 6.77 5.05
N ILE A 166 6.48 6.97 3.88
CA ILE A 166 5.25 7.78 3.76
C ILE A 166 4.23 6.89 3.06
N THR A 167 3.08 6.68 3.68
CA THR A 167 2.02 5.83 3.14
C THR A 167 0.80 6.68 2.79
N PHE A 168 0.31 6.57 1.56
CA PHE A 168 -0.90 7.27 1.12
C PHE A 168 -2.00 6.26 0.90
N ASN A 169 -3.06 6.35 1.69
CA ASN A 169 -4.23 5.51 1.47
C ASN A 169 -5.38 6.34 0.91
N PHE A 170 -5.98 5.84 -0.16
CA PHE A 170 -7.10 6.50 -0.85
C PHE A 170 -8.33 5.64 -0.65
N SER A 171 -9.40 6.23 -0.14
CA SER A 171 -10.63 5.48 0.11
C SER A 171 -11.87 6.34 -0.10
N TRP A 172 -13.01 5.69 -0.30
CA TRP A 172 -14.26 6.41 -0.51
C TRP A 172 -15.43 5.58 0.01
N SER A 173 -16.55 6.24 0.26
CA SER A 173 -17.74 5.60 0.83
CA SER A 173 -17.72 5.56 0.81
C SER A 173 -18.89 5.54 -0.17
N LYS A 174 -18.99 6.55 -1.02
CA LYS A 174 -20.07 6.59 -2.00
C LYS A 174 -19.96 5.47 -3.03
N THR A 175 -21.10 5.11 -3.60
CA THR A 175 -21.16 4.15 -4.69
C THR A 175 -20.93 4.91 -5.99
N TYR A 176 -19.68 4.93 -6.45
CA TYR A 176 -19.33 5.61 -7.69
C TYR A 176 -19.55 4.69 -8.88
N GLU A 177 -20.14 5.24 -9.93
CA GLU A 177 -20.40 4.48 -11.16
C GLU A 177 -19.70 5.12 -12.34
N ASN A 178 -18.65 4.45 -12.81
CA ASN A 178 -17.84 4.90 -13.95
C ASN A 178 -17.20 6.28 -13.72
N VAL A 179 -16.55 6.39 -12.56
CA VAL A 179 -15.85 7.61 -12.17
C VAL A 179 -14.35 7.36 -12.29
N GLU A 180 -13.68 8.16 -13.13
CA GLU A 180 -12.23 8.02 -13.34
C GLU A 180 -11.48 8.53 -12.12
N PHE A 181 -10.52 7.73 -11.64
CA PHE A 181 -9.82 8.09 -10.41
C PHE A 181 -8.66 9.04 -10.67
N GLU A 182 -8.98 10.33 -10.70
CA GLU A 182 -7.97 11.37 -10.88
C GLU A 182 -8.38 12.51 -9.96
N THR A 183 -7.46 12.95 -9.10
CA THR A 183 -7.86 13.73 -7.92
C THR A 183 -7.42 15.19 -7.95
N THR A 184 -8.12 16.01 -7.17
CA THR A 184 -7.62 17.35 -6.86
C THR A 184 -6.38 17.23 -5.97
N SER A 185 -5.72 18.37 -5.69
CA SER A 185 -4.47 18.39 -4.95
C SER A 185 -4.70 18.76 -3.48
N PHE A 186 -3.85 18.20 -2.63
CA PHE A 186 -3.94 18.41 -1.19
C PHE A 186 -2.57 18.77 -0.64
N THR A 187 -2.56 19.76 0.25
CA THR A 187 -1.34 20.21 0.92
C THR A 187 -1.34 19.81 2.39
N PHE A 188 -0.19 19.34 2.86
CA PHE A 188 -0.02 19.03 4.27
C PHE A 188 1.42 19.32 4.66
N SER A 189 1.77 19.13 5.92
CA SER A 189 3.16 19.24 6.31
C SER A 189 3.49 18.15 7.30
N TYR A 190 4.79 17.95 7.52
CA TYR A 190 5.26 17.04 8.54
C TYR A 190 6.62 17.47 9.07
N ILE A 191 6.98 16.93 10.22
CA ILE A 191 8.23 17.25 10.89
C ILE A 191 9.37 16.47 10.23
N ALA A 192 10.44 17.19 9.87
CA ALA A 192 11.60 16.62 9.17
C ALA A 192 12.56 15.97 10.15
N GLN A 193 13.23 14.91 9.70
CA GLN A 193 14.22 14.18 10.50
C GLN A 193 15.39 15.06 10.95
N GLU A 194 15.85 15.93 10.06
CA GLU A 194 16.87 16.93 10.41
C GLU A 194 16.67 18.18 9.57
N SER B 7 -20.07 -2.85 3.03
CA SER B 7 -19.86 -4.30 3.30
C SER B 7 -18.41 -4.56 3.68
N LEU B 8 -18.08 -5.80 4.03
CA LEU B 8 -16.70 -6.16 4.40
C LEU B 8 -15.79 -5.90 3.19
N SER B 9 -14.69 -5.20 3.41
CA SER B 9 -13.77 -4.91 2.30
C SER B 9 -12.32 -5.00 2.74
N ILE B 10 -11.43 -5.14 1.75
CA ILE B 10 -9.99 -5.27 2.00
C ILE B 10 -9.27 -4.17 1.23
N THR B 11 -8.28 -3.55 1.86
CA THR B 11 -7.52 -2.47 1.24
C THR B 11 -6.61 -2.99 0.12
N THR B 12 -6.66 -2.30 -1.02
CA THR B 12 -5.89 -2.66 -2.21
C THR B 12 -6.21 -4.09 -2.65
N PRO B 13 -7.48 -4.33 -3.04
CA PRO B 13 -7.89 -5.72 -3.33
C PRO B 13 -7.20 -6.39 -4.52
N GLU B 14 -6.58 -5.60 -5.42
CA GLU B 14 -5.58 -6.16 -6.33
C GLU B 14 -4.28 -5.38 -6.15
N GLU B 15 -3.20 -6.10 -5.90
CA GLU B 15 -1.93 -5.45 -5.59
C GLU B 15 -0.78 -6.19 -6.25
N MET B 16 0.19 -5.41 -6.74
CA MET B 16 1.43 -5.98 -7.23
CA MET B 16 1.44 -5.93 -7.26
C MET B 16 2.55 -5.66 -6.24
N ILE B 17 3.32 -6.69 -5.90
CA ILE B 17 4.42 -6.53 -4.94
C ILE B 17 5.67 -7.12 -5.55
N GLU B 18 6.77 -6.37 -5.48
CA GLU B 18 8.07 -6.91 -5.85
C GLU B 18 9.04 -6.83 -4.68
N LYS B 19 9.83 -7.89 -4.52
CA LYS B 19 10.86 -7.96 -3.50
C LYS B 19 12.02 -8.79 -4.03
N ALA B 20 13.22 -8.57 -3.50
CA ALA B 20 14.39 -9.30 -3.99
C ALA B 20 14.53 -10.69 -3.34
N LYS B 21 15.13 -11.60 -4.11
CA LYS B 21 15.47 -12.94 -3.63
C LYS B 21 16.21 -12.87 -2.28
N GLY B 22 15.81 -13.74 -1.35
CA GLY B 22 16.43 -13.83 -0.04
C GLY B 22 15.77 -12.95 1.01
N GLU B 23 14.99 -11.98 0.57
CA GLU B 23 14.33 -11.04 1.47
C GLU B 23 12.98 -11.60 1.95
N THR B 24 12.31 -10.83 2.81
CA THR B 24 11.02 -11.21 3.35
C THR B 24 9.93 -10.36 2.71
N ALA B 25 8.96 -11.00 2.05
CA ALA B 25 7.82 -10.29 1.47
C ALA B 25 6.75 -10.06 2.52
N TYR B 26 6.19 -8.86 2.55
CA TYR B 26 5.05 -8.54 3.40
C TYR B 26 3.82 -8.47 2.50
N LEU B 27 2.86 -9.36 2.72
CA LEU B 27 1.68 -9.46 1.89
C LEU B 27 0.49 -8.92 2.68
N PRO B 28 0.09 -7.65 2.42
CA PRO B 28 -0.94 -7.03 3.25
C PRO B 28 -2.35 -7.54 2.97
N CYS B 29 -3.10 -7.73 4.04
CA CYS B 29 -4.52 -8.04 3.94
C CYS B 29 -5.24 -7.36 5.10
N LYS B 30 -5.41 -6.05 4.96
CA LYS B 30 -6.04 -5.23 5.98
C LYS B 30 -7.51 -5.08 5.64
N PHE B 31 -8.38 -5.47 6.59
CA PHE B 31 -9.80 -5.50 6.32
C PHE B 31 -10.61 -4.61 7.24
N THR B 32 -11.77 -4.21 6.73
CA THR B 32 -12.72 -3.36 7.42
C THR B 32 -14.04 -4.10 7.47
N LEU B 33 -14.60 -4.24 8.67
CA LEU B 33 -15.87 -4.94 8.87
C LEU B 33 -17.03 -3.97 8.77
N SER B 34 -18.22 -4.50 8.48
CA SER B 34 -19.45 -3.75 8.62
C SER B 34 -20.15 -4.21 9.90
N PRO B 35 -21.07 -3.38 10.45
CA PRO B 35 -21.80 -3.76 11.67
C PRO B 35 -22.56 -5.09 11.60
N GLU B 36 -22.99 -5.48 10.40
CA GLU B 36 -23.73 -6.74 10.20
C GLU B 36 -22.87 -8.00 10.33
N ASP B 37 -21.54 -7.83 10.29
CA ASP B 37 -20.60 -8.96 10.28
C ASP B 37 -20.36 -9.52 11.67
N GLN B 38 -21.34 -10.28 12.16
CA GLN B 38 -21.35 -10.76 13.54
CA GLN B 38 -21.31 -10.75 13.54
C GLN B 38 -21.00 -12.24 13.67
N GLY B 39 -20.76 -12.90 12.54
CA GLY B 39 -20.38 -14.30 12.54
C GLY B 39 -18.93 -14.54 12.91
N PRO B 40 -18.46 -15.80 12.81
CA PRO B 40 -17.09 -16.12 13.18
C PRO B 40 -16.06 -15.67 12.15
N LEU B 41 -14.96 -15.08 12.60
CA LEU B 41 -13.92 -14.64 11.70
C LEU B 41 -13.17 -15.85 11.12
N ASP B 42 -12.97 -15.81 9.79
CA ASP B 42 -12.33 -16.90 9.07
C ASP B 42 -11.40 -16.27 8.03
N ILE B 43 -10.11 -16.58 8.11
CA ILE B 43 -9.11 -16.09 7.15
C ILE B 43 -8.48 -17.27 6.44
N GLU B 44 -8.44 -17.20 5.11
CA GLU B 44 -7.77 -18.22 4.31
C GLU B 44 -6.85 -17.57 3.29
N TRP B 45 -5.60 -18.01 3.23
CA TRP B 45 -4.68 -17.63 2.17
C TRP B 45 -4.43 -18.83 1.25
N LEU B 46 -4.40 -18.54 -0.06
CA LEU B 46 -4.15 -19.55 -1.10
C LEU B 46 -3.09 -19.06 -2.08
N ILE B 47 -2.49 -20.00 -2.80
CA ILE B 47 -1.59 -19.70 -3.91
C ILE B 47 -2.06 -20.41 -5.17
N SER B 48 -1.93 -19.75 -6.31
CA SER B 48 -2.11 -20.42 -7.60
C SER B 48 -0.76 -21.01 -8.07
N PRO B 49 -0.63 -22.35 -8.15
CA PRO B 49 0.65 -22.93 -8.60
C PRO B 49 1.10 -22.45 -9.99
N ALA B 50 2.41 -22.46 -10.23
CA ALA B 50 2.94 -22.11 -11.55
C ALA B 50 2.42 -23.08 -12.61
N ASP B 51 2.21 -24.34 -12.22
CA ASP B 51 1.51 -25.32 -13.07
C ASP B 51 0.05 -24.91 -13.20
N ASN B 52 -0.31 -24.37 -14.36
CA ASN B 52 -1.66 -23.86 -14.59
C ASN B 52 -2.74 -24.94 -14.62
N GLN B 53 -2.31 -26.20 -14.72
CA GLN B 53 -3.22 -27.35 -14.68
C GLN B 53 -3.48 -27.85 -13.25
N LYS B 54 -2.89 -27.19 -12.25
CA LYS B 54 -3.08 -27.58 -10.85
C LYS B 54 -3.97 -26.55 -10.16
N VAL B 55 -4.95 -27.03 -9.38
CA VAL B 55 -5.84 -26.10 -8.66
C VAL B 55 -5.08 -25.35 -7.56
N ASP B 56 -5.67 -24.25 -7.11
CA ASP B 56 -5.08 -23.47 -6.01
C ASP B 56 -4.84 -24.33 -4.78
N GLN B 57 -3.83 -23.95 -4.01
CA GLN B 57 -3.43 -24.67 -2.82
C GLN B 57 -3.55 -23.76 -1.62
N VAL B 58 -3.99 -24.32 -0.50
CA VAL B 58 -4.08 -23.57 0.74
C VAL B 58 -2.67 -23.31 1.27
N ILE B 59 -2.46 -22.11 1.83
CA ILE B 59 -1.19 -21.75 2.48
C ILE B 59 -1.30 -21.76 4.01
N ILE B 60 -2.26 -21.00 4.54
CA ILE B 60 -2.38 -20.78 5.98
C ILE B 60 -3.81 -20.32 6.29
N LEU B 61 -4.29 -20.69 7.48
CA LEU B 61 -5.65 -20.35 7.93
C LEU B 61 -5.64 -19.72 9.30
N TYR B 62 -6.63 -18.84 9.53
CA TYR B 62 -6.99 -18.43 10.89
C TYR B 62 -8.46 -18.76 11.02
N SER B 63 -8.78 -19.63 11.97
CA SER B 63 -10.13 -20.14 12.10
C SER B 63 -10.37 -20.53 13.54
N GLY B 64 -11.52 -20.15 14.09
CA GLY B 64 -11.81 -20.43 15.52
C GLY B 64 -10.71 -19.95 16.43
N ASP B 65 -10.17 -18.77 16.10
CA ASP B 65 -9.08 -18.12 16.85
C ASP B 65 -7.81 -18.96 16.96
N LYS B 66 -7.62 -19.86 15.99
CA LYS B 66 -6.42 -20.68 15.91
CA LYS B 66 -6.42 -20.68 15.91
C LYS B 66 -5.79 -20.59 14.52
N ILE B 67 -4.48 -20.74 14.46
CA ILE B 67 -3.74 -20.76 13.20
C ILE B 67 -3.45 -22.19 12.76
N TYR B 68 -3.75 -22.48 11.50
CA TYR B 68 -3.45 -23.77 10.89
C TYR B 68 -2.51 -23.53 9.72
N ASP B 69 -1.32 -24.15 9.77
CA ASP B 69 -0.33 -23.89 8.72
C ASP B 69 0.30 -25.15 8.10
N ASP B 70 -0.32 -26.31 8.29
CA ASP B 70 0.24 -27.54 7.72
C ASP B 70 -0.30 -27.79 6.31
N TYR B 71 0.03 -26.88 5.38
CA TYR B 71 -0.50 -26.94 4.01
C TYR B 71 0.61 -26.92 2.95
N TYR B 72 0.53 -26.02 1.97
CA TYR B 72 1.51 -25.92 0.86
C TYR B 72 2.97 -26.19 1.30
N PRO B 73 3.54 -27.36 0.94
CA PRO B 73 4.89 -27.74 1.38
C PRO B 73 6.02 -26.76 1.03
N ASP B 74 5.96 -26.12 -0.13
CA ASP B 74 7.02 -25.19 -0.54
C ASP B 74 7.14 -23.96 0.36
N LEU B 75 6.05 -23.65 1.06
CA LEU B 75 6.01 -22.50 1.96
C LEU B 75 6.06 -22.86 3.45
N LYS B 76 5.96 -24.16 3.74
CA LYS B 76 5.94 -24.63 5.13
C LYS B 76 7.11 -24.06 5.94
N GLY B 77 6.79 -23.43 7.06
CA GLY B 77 7.77 -22.82 7.94
C GLY B 77 8.19 -21.40 7.58
N ARG B 78 7.83 -20.96 6.37
CA ARG B 78 8.27 -19.66 5.84
C ARG B 78 7.17 -18.61 5.86
N VAL B 79 5.95 -19.02 6.16
CA VAL B 79 4.77 -18.14 6.16
C VAL B 79 4.19 -17.98 7.56
N HIS B 80 3.95 -16.74 7.97
CA HIS B 80 3.37 -16.43 9.27
C HIS B 80 2.46 -15.22 9.18
N PHE B 81 1.38 -15.22 9.94
CA PHE B 81 0.60 -14.01 10.17
C PHE B 81 1.47 -12.99 10.93
N THR B 82 1.40 -11.72 10.54
CA THR B 82 2.30 -10.70 11.09
C THR B 82 1.72 -9.91 12.25
N SER B 83 0.39 -9.81 12.33
CA SER B 83 -0.25 -8.97 13.34
C SER B 83 -0.29 -9.62 14.71
N ASN B 84 -0.09 -8.83 15.76
CA ASN B 84 -0.34 -9.32 17.11
C ASN B 84 -1.81 -9.22 17.53
N ASP B 85 -2.64 -8.72 16.61
CA ASP B 85 -4.07 -8.58 16.85
C ASP B 85 -4.84 -8.69 15.54
N LEU B 86 -4.78 -9.89 14.95
CA LEU B 86 -5.37 -10.14 13.63
C LEU B 86 -6.86 -9.77 13.57
N LYS B 87 -7.62 -10.12 14.60
CA LYS B 87 -9.06 -9.90 14.63
C LYS B 87 -9.48 -8.41 14.54
N SER B 88 -8.53 -7.51 14.81
CA SER B 88 -8.79 -6.08 14.72
C SER B 88 -8.73 -5.53 13.28
N GLY B 89 -8.45 -6.39 12.31
CA GLY B 89 -8.46 -5.99 10.91
C GLY B 89 -7.17 -6.18 10.12
N ASP B 90 -6.30 -7.08 10.58
CA ASP B 90 -5.01 -7.28 9.92
C ASP B 90 -4.65 -8.76 9.71
N ALA B 91 -4.97 -9.26 8.51
CA ALA B 91 -4.72 -10.67 8.16
C ALA B 91 -3.46 -10.86 7.32
N SER B 92 -2.58 -9.85 7.36
CA SER B 92 -1.36 -9.86 6.58
C SER B 92 -0.45 -11.02 6.95
N ILE B 93 0.34 -11.47 5.98
CA ILE B 93 1.32 -12.53 6.20
C ILE B 93 2.67 -12.10 5.66
N ASN B 94 3.73 -12.69 6.18
CA ASN B 94 5.00 -12.56 5.47
C ASN B 94 5.56 -13.89 5.00
N VAL B 95 6.43 -13.82 4.00
CA VAL B 95 7.06 -14.98 3.43
C VAL B 95 8.55 -14.74 3.50
N THR B 96 9.25 -15.57 4.26
CA THR B 96 10.68 -15.38 4.48
C THR B 96 11.55 -16.06 3.41
N ASN B 97 12.79 -15.59 3.29
CA ASN B 97 13.78 -16.14 2.36
CA ASN B 97 13.78 -16.14 2.36
C ASN B 97 13.22 -16.42 0.96
N LEU B 98 12.77 -15.35 0.30
CA LEU B 98 12.12 -15.48 -1.00
C LEU B 98 12.99 -16.16 -2.04
N GLN B 99 12.36 -17.07 -2.77
CA GLN B 99 12.97 -17.77 -3.89
C GLN B 99 12.26 -17.31 -5.15
N LEU B 100 12.91 -17.48 -6.30
CA LEU B 100 12.30 -17.15 -7.59
C LEU B 100 11.04 -17.98 -7.84
N SER B 101 11.02 -19.19 -7.28
CA SER B 101 9.86 -20.08 -7.37
C SER B 101 8.64 -19.61 -6.56
N ASP B 102 8.82 -18.57 -5.74
CA ASP B 102 7.70 -17.99 -4.99
C ASP B 102 6.87 -17.00 -5.82
N ILE B 103 7.34 -16.68 -7.02
CA ILE B 103 6.56 -15.82 -7.93
C ILE B 103 5.19 -16.45 -8.18
N GLY B 104 4.15 -15.63 -8.11
CA GLY B 104 2.81 -16.12 -8.37
C GLY B 104 1.74 -15.25 -7.79
N THR B 105 0.49 -15.69 -7.91
CA THR B 105 -0.65 -14.96 -7.41
C THR B 105 -1.14 -15.58 -6.11
N TYR B 106 -1.16 -14.76 -5.07
CA TYR B 106 -1.57 -15.13 -3.72
C TYR B 106 -2.93 -14.53 -3.46
N GLN B 107 -3.80 -15.25 -2.75
CA GLN B 107 -5.13 -14.74 -2.46
C GLN B 107 -5.42 -14.78 -0.97
N CYS B 108 -5.94 -13.68 -0.44
CA CYS B 108 -6.40 -13.58 0.93
C CYS B 108 -7.92 -13.49 0.94
N LYS B 109 -8.57 -14.42 1.65
CA LYS B 109 -10.03 -14.42 1.77
C LYS B 109 -10.41 -14.14 3.21
N VAL B 110 -11.20 -13.10 3.42
CA VAL B 110 -11.64 -12.71 4.76
C VAL B 110 -13.14 -12.86 4.87
N LYS B 111 -13.57 -13.63 5.86
CA LYS B 111 -15.00 -13.88 6.05
C LYS B 111 -15.38 -13.64 7.50
N LYS B 112 -16.54 -12.99 7.67
CA LYS B 112 -17.14 -12.85 8.99
C LYS B 112 -18.63 -12.73 8.75
N ALA B 113 -19.29 -13.89 8.74
CA ALA B 113 -20.65 -14.05 8.18
C ALA B 113 -21.63 -12.98 8.66
N PRO B 114 -22.39 -12.37 7.73
CA PRO B 114 -22.47 -12.65 6.29
C PRO B 114 -21.42 -11.96 5.42
N GLY B 115 -20.49 -11.25 6.04
CA GLY B 115 -19.46 -10.49 5.29
C GLY B 115 -18.40 -11.38 4.65
N VAL B 116 -18.01 -11.02 3.42
CA VAL B 116 -16.96 -11.72 2.69
CA VAL B 116 -16.98 -11.73 2.68
C VAL B 116 -16.22 -10.76 1.78
N ALA B 117 -14.91 -10.92 1.66
CA ALA B 117 -14.13 -10.16 0.70
C ALA B 117 -12.89 -10.95 0.32
N ASN B 118 -12.31 -10.64 -0.83
CA ASN B 118 -11.07 -11.29 -1.22
CA ASN B 118 -11.12 -11.32 -1.34
C ASN B 118 -10.09 -10.32 -1.85
N LYS B 119 -8.82 -10.68 -1.76
CA LYS B 119 -7.76 -9.86 -2.33
C LYS B 119 -6.77 -10.74 -3.06
N LYS B 120 -6.27 -10.26 -4.19
CA LYS B 120 -5.22 -10.97 -4.91
C LYS B 120 -3.94 -10.14 -5.00
N ILE B 121 -2.82 -10.81 -4.77
CA ILE B 121 -1.50 -10.17 -4.83
C ILE B 121 -0.69 -10.88 -5.90
N HIS B 122 -0.12 -10.12 -6.82
CA HIS B 122 0.82 -10.67 -7.77
C HIS B 122 2.22 -10.39 -7.23
N LEU B 123 2.89 -11.46 -6.80
CA LEU B 123 4.22 -11.33 -6.21
C LEU B 123 5.28 -11.63 -7.25
N VAL B 124 6.23 -10.70 -7.38
CA VAL B 124 7.38 -10.87 -8.24
C VAL B 124 8.64 -10.87 -7.37
N VAL B 125 9.53 -11.82 -7.62
CA VAL B 125 10.81 -11.93 -6.90
C VAL B 125 11.93 -11.71 -7.90
N LEU B 126 12.79 -10.73 -7.61
CA LEU B 126 13.90 -10.40 -8.51
C LEU B 126 15.22 -10.90 -7.95
#